data_8RRM
#
_entry.id   8RRM
#
_cell.length_a   138.330
_cell.length_b   55.910
_cell.length_c   82.750
_cell.angle_alpha   90.00
_cell.angle_beta   101.71
_cell.angle_gamma   90.00
#
_symmetry.space_group_name_H-M   'C 1 2 1'
#
loop_
_entity.id
_entity.type
_entity.pdbx_description
1 polymer '14-3-3 protein sigma'
2 polymer 'Phosphopeptide designed according to the sequence preferences favouring stabilisation by Fusicoccin-A'
3 non-polymer FUSICOCCIN
4 non-polymer 'CHLORIDE ION'
5 non-polymer 'BICARBONATE ION'
6 water water
#
loop_
_entity_poly.entity_id
_entity_poly.type
_entity_poly.pdbx_seq_one_letter_code
_entity_poly.pdbx_strand_id
1 'polypeptide(L)'
;GAMAMERASLIQKAKLAEQAERYEDMAAFMKGAVEKGEELSCEERNLLSVAYKNVVGGQRAAWRVLSSIEQKSNEEGSEE
KGPEVREYREKVETELQGVCDTVLGLLDSHLIKEAGDAESRVFYLKMKGDYYRYLAEVATGDDKKRIIDSARSAYQEAMD
ISKKEMPPTNPIRLGLALNFSVFHYEIANSPEEAISLAKTTFDEAMADLHTLSEDSYKDSTLIMQLLRDNLTLWTADNAG
EEGGEAPQEPQS
;
A,B
2 'polypeptide(L)' NYRRYK(SEP)VGIL C,D
#
loop_
_chem_comp.id
_chem_comp.type
_chem_comp.name
_chem_comp.formula
BCT non-polymer 'BICARBONATE ION' 'C H O3 -1'
CL non-polymer 'CHLORIDE ION' 'Cl -1'
FSC non-polymer FUSICOCCIN 'C36 H56 O12'
#
# COMPACT_ATOMS: atom_id res chain seq x y z
N GLY A 1 -16.52 -26.39 19.34
CA GLY A 1 -15.67 -25.79 18.28
C GLY A 1 -15.99 -24.34 18.01
N ALA A 2 -16.58 -23.67 19.01
CA ALA A 2 -16.93 -22.26 18.88
C ALA A 2 -15.71 -21.45 18.43
N MET A 3 -14.62 -21.54 19.18
CA MET A 3 -13.38 -20.89 18.78
C MET A 3 -12.66 -21.68 17.68
N ALA A 4 -12.75 -23.00 17.73
CA ALA A 4 -12.04 -23.82 16.75
C ALA A 4 -12.44 -23.45 15.33
N MET A 5 -13.75 -23.29 15.08
CA MET A 5 -14.21 -22.91 13.75
C MET A 5 -13.92 -21.45 13.45
N GLU A 6 -14.25 -20.55 14.39
CA GLU A 6 -13.97 -19.13 14.18
C GLU A 6 -12.49 -18.89 14.01
N ARG A 7 -11.65 -19.55 14.83
CA ARG A 7 -10.20 -19.36 14.72
C ARG A 7 -9.72 -19.76 13.34
N ALA A 8 -10.15 -20.93 12.85
CA ALA A 8 -9.73 -21.40 11.54
C ALA A 8 -10.21 -20.44 10.44
N SER A 9 -11.40 -19.87 10.60
CA SER A 9 -11.86 -18.85 9.66
C SER A 9 -10.93 -17.65 9.65
N LEU A 10 -10.56 -17.18 10.85
CA LEU A 10 -9.68 -16.02 10.94
C LEU A 10 -8.32 -16.31 10.30
N ILE A 11 -7.79 -17.52 10.51
CA ILE A 11 -6.55 -17.90 9.85
C ILE A 11 -6.74 -17.90 8.34
N GLN A 12 -7.84 -18.49 7.86
CA GLN A 12 -8.11 -18.49 6.42
C GLN A 12 -8.18 -17.07 5.85
N LYS A 13 -8.77 -16.15 6.59
CA LYS A 13 -8.89 -14.77 6.09
C LYS A 13 -7.55 -14.06 6.15
N ALA A 14 -6.71 -14.37 7.16
CA ALA A 14 -5.37 -13.79 7.19
C ALA A 14 -4.58 -14.19 5.95
N LYS A 15 -4.73 -15.45 5.53
CA LYS A 15 -4.03 -15.93 4.34
C LYS A 15 -4.59 -15.31 3.06
N LEU A 16 -5.88 -14.99 3.05
CA LEU A 16 -6.46 -14.27 1.90
C LEU A 16 -5.98 -12.83 1.85
N ALA A 17 -5.97 -12.16 2.98
CA ALA A 17 -5.42 -10.81 3.05
C ALA A 17 -3.97 -10.79 2.63
N GLU A 18 -3.20 -11.82 3.03
CA GLU A 18 -1.82 -11.88 2.58
C GLU A 18 -1.74 -11.89 1.06
N GLN A 19 -2.47 -12.80 0.42
CA GLN A 19 -2.42 -12.88 -1.03
C GLN A 19 -2.85 -11.57 -1.69
N ALA A 20 -3.76 -10.84 -1.07
CA ALA A 20 -4.25 -9.58 -1.62
C ALA A 20 -3.40 -8.39 -1.18
N GLU A 21 -2.37 -8.63 -0.41
CA GLU A 21 -1.47 -7.61 0.11
C GLU A 21 -2.22 -6.59 0.94
N ARG A 22 -3.23 -7.10 1.67
CA ARG A 22 -4.06 -6.29 2.56
C ARG A 22 -3.54 -6.48 3.98
N TYR A 23 -2.43 -5.83 4.29
CA TYR A 23 -1.71 -6.25 5.49
C TYR A 23 -2.41 -5.74 6.76
N GLU A 24 -3.06 -4.59 6.72
CA GLU A 24 -3.84 -4.16 7.87
C GLU A 24 -4.92 -5.19 8.24
N ASP A 25 -5.65 -5.70 7.23
CA ASP A 25 -6.65 -6.72 7.47
C ASP A 25 -6.01 -8.01 7.95
N MET A 26 -4.92 -8.41 7.33
CA MET A 26 -4.18 -9.59 7.75
C MET A 26 -3.81 -9.50 9.22
N ALA A 27 -3.24 -8.37 9.64
CA ALA A 27 -2.82 -8.23 11.03
C ALA A 27 -4.01 -8.36 11.99
N ALA A 28 -5.11 -7.72 11.66
CA ALA A 28 -6.28 -7.78 12.52
C ALA A 28 -6.83 -9.19 12.55
N PHE A 29 -6.77 -9.90 11.42
CA PHE A 29 -7.27 -11.28 11.44
C PHE A 29 -6.39 -12.16 12.33
N MET A 30 -5.05 -11.97 12.25
CA MET A 30 -4.16 -12.79 13.08
C MET A 30 -4.26 -12.41 14.57
N LYS A 31 -4.52 -11.14 14.87
CA LYS A 31 -4.72 -10.72 16.26
C LYS A 31 -5.97 -11.37 16.85
N GLY A 32 -7.06 -11.41 16.08
CA GLY A 32 -8.22 -12.16 16.52
C GLY A 32 -7.92 -13.64 16.71
N ALA A 33 -7.12 -14.22 15.81
CA ALA A 33 -6.79 -15.63 15.95
C ALA A 33 -6.00 -15.88 17.23
N VAL A 34 -5.01 -15.03 17.54
CA VAL A 34 -4.27 -15.18 18.77
C VAL A 34 -5.21 -15.17 19.97
N GLU A 35 -6.10 -14.20 20.03
CA GLU A 35 -6.95 -14.02 21.21
C GLU A 35 -7.93 -15.14 21.41
N LYS A 36 -8.06 -16.06 20.45
CA LYS A 36 -8.88 -17.25 20.69
C LYS A 36 -8.26 -18.19 21.71
N GLY A 37 -6.99 -18.00 22.08
CA GLY A 37 -6.41 -18.74 23.18
C GLY A 37 -5.28 -19.67 22.80
N GLU A 38 -5.43 -20.38 21.68
CA GLU A 38 -4.43 -21.37 21.32
C GLU A 38 -3.09 -20.70 20.99
N GLU A 39 -2.03 -21.49 21.11
CA GLU A 39 -0.72 -21.04 20.67
C GLU A 39 -0.60 -21.16 19.16
N LEU A 40 0.22 -20.30 18.57
CA LEU A 40 0.38 -20.29 17.13
C LEU A 40 1.34 -21.39 16.69
N SER A 41 1.03 -22.00 15.55
CA SER A 41 2.01 -22.83 14.87
C SER A 41 3.08 -21.96 14.22
N CYS A 42 4.17 -22.60 13.81
N CYS A 42 4.18 -22.60 13.80
CA CYS A 42 5.23 -21.89 13.09
CA CYS A 42 5.23 -21.88 13.09
C CYS A 42 4.67 -21.03 11.95
C CYS A 42 4.65 -21.01 11.96
N GLU A 43 3.85 -21.63 11.09
CA GLU A 43 3.28 -20.90 9.97
C GLU A 43 2.43 -19.73 10.43
N GLU A 44 1.67 -19.91 11.51
CA GLU A 44 0.82 -18.83 11.98
C GLU A 44 1.65 -17.69 12.56
N ARG A 45 2.71 -18.01 13.30
CA ARG A 45 3.63 -17.00 13.79
C ARG A 45 4.13 -16.13 12.68
N ASN A 46 4.50 -16.76 11.56
CA ASN A 46 5.04 -16.02 10.42
C ASN A 46 3.97 -15.10 9.84
N LEU A 47 2.74 -15.57 9.73
CA LEU A 47 1.66 -14.67 9.24
C LEU A 47 1.52 -13.46 10.14
N LEU A 48 1.49 -13.67 11.44
CA LEU A 48 1.40 -12.55 12.38
C LEU A 48 2.54 -11.58 12.18
N SER A 49 3.78 -12.08 12.17
N SER A 49 3.77 -12.07 12.13
CA SER A 49 4.93 -11.20 12.08
CA SER A 49 4.92 -11.18 12.09
C SER A 49 4.94 -10.43 10.76
C SER A 49 5.01 -10.45 10.75
N VAL A 50 4.70 -11.14 9.65
CA VAL A 50 4.72 -10.46 8.35
C VAL A 50 3.60 -9.41 8.26
N ALA A 51 2.42 -9.73 8.75
CA ALA A 51 1.30 -8.78 8.69
C ALA A 51 1.68 -7.48 9.38
N TYR A 52 2.01 -7.54 10.65
CA TYR A 52 2.35 -6.32 11.37
C TYR A 52 3.62 -5.65 10.88
N LYS A 53 4.61 -6.41 10.47
CA LYS A 53 5.81 -5.81 9.87
C LYS A 53 5.45 -4.92 8.68
N ASN A 54 4.60 -5.39 7.80
CA ASN A 54 4.21 -4.58 6.65
C ASN A 54 3.39 -3.37 7.07
N VAL A 55 2.57 -3.49 8.11
CA VAL A 55 1.80 -2.34 8.57
C VAL A 55 2.73 -1.26 9.10
N VAL A 56 3.57 -1.61 10.06
CA VAL A 56 4.41 -0.58 10.65
CA VAL A 56 4.41 -0.57 10.65
C VAL A 56 5.46 -0.13 9.65
N GLY A 57 5.85 -1.02 8.74
CA GLY A 57 6.82 -0.66 7.72
C GLY A 57 6.37 0.50 6.85
N GLY A 58 5.07 0.54 6.51
CA GLY A 58 4.56 1.66 5.74
C GLY A 58 4.57 2.94 6.53
N GLN A 59 4.21 2.84 7.82
CA GLN A 59 4.19 4.01 8.68
C GLN A 59 5.58 4.55 8.91
N ARG A 60 6.54 3.63 9.14
CA ARG A 60 7.91 4.05 9.37
C ARG A 60 8.48 4.72 8.13
N ALA A 61 8.24 4.15 6.95
CA ALA A 61 8.69 4.80 5.73
C ALA A 61 8.05 6.18 5.58
N ALA A 62 6.75 6.27 5.84
CA ALA A 62 6.12 7.58 5.75
C ALA A 62 6.72 8.55 6.77
N TRP A 63 6.90 8.08 8.02
CA TRP A 63 7.45 8.93 9.07
C TRP A 63 8.85 9.42 8.69
N ARG A 64 9.66 8.56 8.05
CA ARG A 64 10.99 8.98 7.64
C ARG A 64 10.96 10.05 6.56
N VAL A 65 10.12 9.86 5.53
CA VAL A 65 9.96 10.90 4.50
C VAL A 65 9.61 12.22 5.16
N LEU A 66 8.62 12.19 6.05
CA LEU A 66 8.12 13.44 6.61
C LEU A 66 9.13 14.06 7.55
N SER A 67 9.71 13.25 8.44
CA SER A 67 10.71 13.77 9.35
C SER A 67 11.86 14.42 8.60
N SER A 68 12.22 13.88 7.43
CA SER A 68 13.29 14.48 6.65
C SER A 68 12.88 15.83 6.07
N ILE A 69 11.68 15.90 5.49
CA ILE A 69 11.19 17.21 5.03
C ILE A 69 11.13 18.20 6.19
N GLU A 70 10.66 17.74 7.35
CA GLU A 70 10.57 18.60 8.52
C GLU A 70 11.91 19.20 8.90
N GLN A 71 13.01 18.48 8.67
CA GLN A 71 14.32 18.98 9.07
C GLN A 71 14.92 19.95 8.08
N LYS A 72 14.50 19.90 6.82
CA LYS A 72 14.97 20.83 5.80
C LYS A 72 13.97 21.97 5.57
N SER A 73 12.93 22.06 6.40
CA SER A 73 11.84 22.99 6.14
C SER A 73 12.33 24.43 6.16
N ASN A 74 12.06 25.16 5.08
CA ASN A 74 12.48 26.55 4.93
C ASN A 74 11.32 27.40 4.44
N GLU A 79 10.07 26.62 1.06
CA GLU A 79 9.81 28.06 0.98
C GLU A 79 8.74 28.47 1.99
N GLU A 80 7.87 27.52 2.35
CA GLU A 80 6.79 27.74 3.32
C GLU A 80 7.15 26.99 4.59
N LYS A 81 7.56 27.72 5.62
CA LYS A 81 7.99 27.14 6.89
C LYS A 81 6.88 27.23 7.92
N GLY A 82 5.82 26.45 7.68
CA GLY A 82 4.69 26.41 8.57
C GLY A 82 4.59 25.13 9.37
N PRO A 83 3.53 24.98 10.15
CA PRO A 83 3.36 23.79 11.00
C PRO A 83 2.82 22.57 10.26
N GLU A 84 2.58 22.68 8.95
CA GLU A 84 1.97 21.59 8.21
C GLU A 84 2.74 20.28 8.37
N VAL A 85 4.08 20.33 8.27
CA VAL A 85 4.87 19.12 8.23
C VAL A 85 4.86 18.44 9.61
N ARG A 86 5.12 19.23 10.64
CA ARG A 86 5.09 18.71 12.01
C ARG A 86 3.75 18.08 12.33
N GLU A 87 2.67 18.75 11.99
CA GLU A 87 1.34 18.23 12.27
C GLU A 87 1.14 16.87 11.62
N TYR A 88 1.47 16.77 10.34
CA TYR A 88 1.22 15.53 9.62
C TYR A 88 2.20 14.45 10.10
N ARG A 89 3.44 14.84 10.39
CA ARG A 89 4.39 13.89 10.96
C ARG A 89 3.90 13.36 12.34
N GLU A 90 3.35 14.24 13.18
CA GLU A 90 2.78 13.78 14.45
C GLU A 90 1.59 12.85 14.23
N LYS A 91 0.77 13.08 13.19
CA LYS A 91 -0.36 12.17 12.95
C LYS A 91 0.15 10.77 12.61
N VAL A 92 1.08 10.68 11.65
CA VAL A 92 1.63 9.39 11.27
C VAL A 92 2.30 8.73 12.47
N GLU A 93 3.05 9.52 13.23
CA GLU A 93 3.74 9.00 14.40
C GLU A 93 2.77 8.39 15.41
N THR A 94 1.70 9.10 15.73
CA THR A 94 0.69 8.56 16.63
C THR A 94 0.09 7.27 16.10
N GLU A 95 -0.08 7.18 14.79
CA GLU A 95 -0.63 5.97 14.20
C GLU A 95 0.37 4.83 14.35
N LEU A 96 1.63 5.09 14.07
CA LEU A 96 2.68 4.08 14.23
C LEU A 96 2.77 3.63 15.67
N GLN A 97 2.81 4.59 16.61
CA GLN A 97 2.89 4.23 18.02
C GLN A 97 1.73 3.34 18.43
N GLY A 98 0.55 3.62 17.90
CA GLY A 98 -0.62 2.82 18.25
C GLY A 98 -0.51 1.39 17.76
N VAL A 99 0.08 1.20 16.59
CA VAL A 99 0.28 -0.16 16.11
C VAL A 99 1.32 -0.89 16.98
N CYS A 100 2.42 -0.21 17.30
CA CYS A 100 3.45 -0.86 18.13
C CYS A 100 2.88 -1.24 19.48
N ASP A 101 2.05 -0.36 20.05
CA ASP A 101 1.45 -0.67 21.35
C ASP A 101 0.49 -1.85 21.24
N THR A 102 -0.27 -1.94 20.16
CA THR A 102 -1.12 -3.12 19.94
C THR A 102 -0.28 -4.40 19.90
N VAL A 103 0.81 -4.40 19.15
CA VAL A 103 1.62 -5.62 19.03
C VAL A 103 2.26 -5.96 20.37
N LEU A 104 2.88 -4.96 21.03
CA LEU A 104 3.47 -5.18 22.33
C LEU A 104 2.42 -5.68 23.30
N GLY A 105 1.23 -5.11 23.25
CA GLY A 105 0.16 -5.58 24.14
C GLY A 105 -0.18 -7.03 23.88
N LEU A 106 -0.17 -7.45 22.61
CA LEU A 106 -0.51 -8.83 22.29
C LEU A 106 0.62 -9.77 22.69
N LEU A 107 1.86 -9.36 22.47
CA LEU A 107 3.00 -10.16 22.93
C LEU A 107 2.91 -10.41 24.41
N ASP A 108 2.60 -9.37 25.19
CA ASP A 108 2.66 -9.51 26.63
C ASP A 108 1.43 -10.21 27.19
N SER A 109 0.30 -10.14 26.51
CA SER A 109 -0.90 -10.76 27.07
C SER A 109 -1.10 -12.21 26.61
N HIS A 110 -0.62 -12.59 25.43
CA HIS A 110 -0.95 -13.90 24.89
C HIS A 110 0.23 -14.71 24.40
N LEU A 111 1.30 -14.08 23.93
CA LEU A 111 2.31 -14.79 23.16
C LEU A 111 3.59 -15.08 23.93
N ILE A 112 4.12 -14.12 24.68
CA ILE A 112 5.33 -14.37 25.46
C ILE A 112 4.98 -15.22 26.67
N LYS A 113 5.67 -16.34 26.81
CA LYS A 113 5.42 -17.27 27.89
C LYS A 113 6.74 -17.94 28.25
N GLU A 114 6.78 -18.50 29.44
CA GLU A 114 7.99 -19.23 29.87
C GLU A 114 8.07 -20.63 29.29
N ALA A 115 6.95 -21.18 28.82
CA ALA A 115 6.92 -22.47 28.18
C ALA A 115 7.14 -22.34 26.67
N GLY A 116 7.09 -23.46 25.98
CA GLY A 116 7.27 -23.48 24.54
C GLY A 116 8.71 -23.79 24.17
N ASP A 117 8.90 -24.20 22.91
CA ASP A 117 10.24 -24.52 22.44
C ASP A 117 11.05 -23.23 22.33
N ALA A 118 12.35 -23.40 22.15
CA ALA A 118 13.24 -22.24 22.12
C ALA A 118 12.88 -21.33 20.95
N GLU A 119 12.47 -21.90 19.82
CA GLU A 119 12.15 -21.09 18.65
C GLU A 119 11.04 -20.11 18.97
N SER A 120 9.96 -20.61 19.59
CA SER A 120 8.82 -19.73 19.84
C SER A 120 9.18 -18.66 20.84
N ARG A 121 9.96 -18.99 21.85
CA ARG A 121 10.26 -17.99 22.87
C ARG A 121 11.16 -16.92 22.28
N VAL A 122 12.16 -17.32 21.47
CA VAL A 122 13.01 -16.32 20.83
C VAL A 122 12.21 -15.50 19.82
N PHE A 123 11.34 -16.14 19.06
CA PHE A 123 10.57 -15.43 18.04
C PHE A 123 9.80 -14.25 18.63
N TYR A 124 9.10 -14.48 19.74
CA TYR A 124 8.26 -13.42 20.30
C TYR A 124 9.05 -12.37 21.04
N LEU A 125 10.14 -12.75 21.69
CA LEU A 125 10.99 -11.77 22.34
C LEU A 125 11.70 -10.89 21.32
N LYS A 126 12.15 -11.45 20.20
CA LYS A 126 12.68 -10.64 19.12
C LYS A 126 11.61 -9.65 18.62
N MET A 127 10.36 -10.11 18.45
CA MET A 127 9.28 -9.21 18.08
C MET A 127 9.13 -8.06 19.08
N LYS A 128 9.21 -8.39 20.37
CA LYS A 128 9.14 -7.38 21.43
C LYS A 128 10.28 -6.39 21.29
N GLY A 129 11.51 -6.86 21.09
CA GLY A 129 12.59 -5.90 20.85
C GLY A 129 12.36 -5.03 19.61
N ASP A 130 11.83 -5.63 18.55
CA ASP A 130 11.65 -4.93 17.30
C ASP A 130 10.64 -3.80 17.44
N TYR A 131 9.53 -4.04 18.09
CA TYR A 131 8.49 -3.01 18.20
C TYR A 131 8.87 -1.97 19.25
N TYR A 132 9.60 -2.35 20.30
CA TYR A 132 10.18 -1.32 21.14
C TYR A 132 11.18 -0.48 20.35
N ARG A 133 11.92 -1.11 19.45
CA ARG A 133 12.88 -0.38 18.62
C ARG A 133 12.17 0.61 17.70
N TYR A 134 11.03 0.20 17.16
CA TYR A 134 10.28 1.12 16.29
C TYR A 134 9.75 2.32 17.09
N LEU A 135 9.26 2.07 18.30
CA LEU A 135 8.95 3.16 19.21
C LEU A 135 10.16 4.06 19.46
N ALA A 136 11.33 3.48 19.59
CA ALA A 136 12.53 4.25 19.90
C ALA A 136 12.94 5.12 18.72
N GLU A 137 12.70 4.63 17.49
CA GLU A 137 13.01 5.42 16.29
C GLU A 137 12.36 6.79 16.34
N VAL A 138 11.15 6.89 16.88
CA VAL A 138 10.42 8.15 16.89
C VAL A 138 10.39 8.82 18.25
N ALA A 139 10.92 8.19 19.30
CA ALA A 139 10.82 8.79 20.62
C ALA A 139 11.85 9.90 20.77
N THR A 140 11.45 10.96 21.48
CA THR A 140 12.30 12.12 21.65
C THR A 140 12.43 12.59 23.09
N GLY A 141 11.57 12.15 23.99
CA GLY A 141 11.43 12.76 25.29
C GLY A 141 12.05 11.92 26.39
N ASP A 142 11.60 12.17 27.62
CA ASP A 142 12.14 11.44 28.76
C ASP A 142 11.72 9.98 28.78
N ASP A 143 10.86 9.54 27.86
CA ASP A 143 10.54 8.13 27.72
C ASP A 143 11.47 7.41 26.76
N LYS A 144 12.33 8.13 26.03
CA LYS A 144 13.17 7.47 25.04
C LYS A 144 14.11 6.45 25.68
N LYS A 145 14.67 6.80 26.84
CA LYS A 145 15.62 5.91 27.53
C LYS A 145 14.91 4.63 27.98
N ARG A 146 13.73 4.76 28.57
CA ARG A 146 12.96 3.59 28.97
C ARG A 146 12.65 2.69 27.78
N ILE A 147 12.25 3.28 26.65
CA ILE A 147 11.91 2.48 25.48
C ILE A 147 13.12 1.72 24.97
N ILE A 148 14.26 2.40 24.86
CA ILE A 148 15.51 1.76 24.44
C ILE A 148 15.89 0.64 25.41
N ASP A 149 15.80 0.88 26.71
CA ASP A 149 16.12 -0.17 27.68
C ASP A 149 15.17 -1.34 27.54
N SER A 150 13.89 -1.09 27.27
CA SER A 150 12.96 -2.21 27.06
C SER A 150 13.32 -3.02 25.80
N ALA A 151 13.69 -2.34 24.72
CA ALA A 151 14.11 -3.05 23.51
C ALA A 151 15.33 -3.91 23.81
N ARG A 152 16.30 -3.32 24.48
CA ARG A 152 17.54 -4.02 24.77
C ARG A 152 17.31 -5.24 25.64
N SER A 153 16.46 -5.11 26.68
CA SER A 153 16.21 -6.25 27.57
C SER A 153 15.54 -7.40 26.81
N ALA A 154 14.57 -7.10 25.95
CA ALA A 154 13.94 -8.14 25.15
C ALA A 154 14.93 -8.81 24.23
N TYR A 155 15.69 -8.02 23.46
CA TYR A 155 16.69 -8.55 22.55
C TYR A 155 17.71 -9.38 23.33
N GLN A 156 18.10 -8.91 24.51
CA GLN A 156 19.10 -9.63 25.30
C GLN A 156 18.58 -10.98 25.78
N GLU A 157 17.34 -11.03 26.28
CA GLU A 157 16.82 -12.31 26.73
CA GLU A 157 16.77 -12.30 26.73
C GLU A 157 16.68 -13.26 25.55
N ALA A 158 16.25 -12.76 24.40
CA ALA A 158 16.16 -13.62 23.21
C ALA A 158 17.54 -14.13 22.79
N MET A 159 18.52 -13.22 22.76
CA MET A 159 19.89 -13.62 22.44
C MET A 159 20.36 -14.74 23.36
N ASP A 160 20.08 -14.62 24.66
CA ASP A 160 20.57 -15.62 25.61
C ASP A 160 19.96 -16.99 25.33
N ILE A 161 18.66 -17.03 25.02
CA ILE A 161 18.01 -18.30 24.69
C ILE A 161 18.59 -18.88 23.41
N SER A 162 18.77 -18.03 22.40
CA SER A 162 19.17 -18.54 21.08
C SER A 162 20.57 -19.16 21.12
N LYS A 163 21.50 -18.55 21.87
CA LYS A 163 22.86 -19.06 21.92
C LYS A 163 22.95 -20.29 22.82
N LYS A 164 22.00 -20.46 23.73
CA LYS A 164 21.94 -21.63 24.56
C LYS A 164 21.23 -22.78 23.88
N GLU A 165 20.18 -22.50 23.09
CA GLU A 165 19.32 -23.60 22.68
C GLU A 165 19.16 -23.77 21.19
N MET A 166 19.82 -22.96 20.36
CA MET A 166 19.60 -23.09 18.93
C MET A 166 20.91 -23.03 18.21
N PRO A 167 21.02 -23.68 17.06
CA PRO A 167 22.27 -23.67 16.30
C PRO A 167 22.55 -22.31 15.68
N PRO A 168 23.83 -22.01 15.41
CA PRO A 168 24.17 -20.69 14.86
C PRO A 168 23.55 -20.37 13.51
N THR A 169 23.10 -21.36 12.74
CA THR A 169 22.48 -21.12 11.44
C THR A 169 20.96 -21.00 11.52
N ASN A 170 20.37 -21.20 12.68
CA ASN A 170 18.91 -21.15 12.78
C ASN A 170 18.43 -19.79 12.30
N PRO A 171 17.43 -19.73 11.43
CA PRO A 171 17.05 -18.42 10.87
C PRO A 171 16.58 -17.44 11.93
N ILE A 172 15.84 -17.93 12.92
CA ILE A 172 15.34 -17.04 13.97
C ILE A 172 16.51 -16.48 14.77
N ARG A 173 17.47 -17.33 15.15
CA ARG A 173 18.65 -16.83 15.82
C ARG A 173 19.36 -15.80 14.96
N LEU A 174 19.54 -16.11 13.68
CA LEU A 174 20.23 -15.17 12.79
C LEU A 174 19.47 -13.84 12.65
N GLY A 175 18.17 -13.91 12.42
CA GLY A 175 17.39 -12.67 12.27
C GLY A 175 17.38 -11.85 13.55
N LEU A 176 17.38 -12.52 14.70
CA LEU A 176 17.52 -11.80 15.97
C LEU A 176 18.84 -11.07 16.03
N ALA A 177 19.95 -11.77 15.72
CA ALA A 177 21.25 -11.11 15.81
C ALA A 177 21.34 -9.94 14.83
N LEU A 178 20.78 -10.09 13.64
CA LEU A 178 20.77 -8.98 12.67
C LEU A 178 20.06 -7.78 13.25
N ASN A 179 18.86 -7.98 13.77
CA ASN A 179 18.08 -6.83 14.22
C ASN A 179 18.67 -6.22 15.47
N PHE A 180 19.30 -7.05 16.33
CA PHE A 180 19.97 -6.50 17.49
C PHE A 180 21.18 -5.68 17.07
N SER A 181 21.86 -6.06 15.98
CA SER A 181 23.02 -5.27 15.57
C SER A 181 22.56 -3.95 14.97
N VAL A 182 21.41 -3.95 14.31
CA VAL A 182 20.83 -2.69 13.83
C VAL A 182 20.45 -1.79 15.01
N PHE A 183 19.80 -2.37 16.04
CA PHE A 183 19.60 -1.64 17.29
C PHE A 183 20.88 -1.03 17.79
N HIS A 184 21.97 -1.83 17.93
CA HIS A 184 23.22 -1.25 18.41
C HIS A 184 23.64 -0.04 17.57
N TYR A 185 23.57 -0.19 16.24
CA TYR A 185 24.07 0.86 15.37
C TYR A 185 23.18 2.11 15.41
N GLU A 186 21.90 1.94 15.12
CA GLU A 186 21.02 3.08 14.88
C GLU A 186 20.43 3.68 16.16
N ILE A 187 20.10 2.83 17.12
CA ILE A 187 19.38 3.29 18.30
C ILE A 187 20.33 3.62 19.44
N ALA A 188 21.19 2.69 19.82
CA ALA A 188 22.14 2.89 20.89
C ALA A 188 23.40 3.62 20.44
N ASN A 189 23.58 3.80 19.14
CA ASN A 189 24.71 4.53 18.59
C ASN A 189 26.01 3.95 19.11
N SER A 190 26.16 2.64 18.93
CA SER A 190 27.36 1.89 19.34
C SER A 190 27.81 1.10 18.12
N PRO A 191 28.49 1.75 17.18
CA PRO A 191 28.87 1.06 15.95
C PRO A 191 29.82 -0.09 16.16
N GLU A 192 30.59 -0.07 17.24
CA GLU A 192 31.55 -1.15 17.49
C GLU A 192 30.82 -2.43 17.89
N GLU A 193 29.85 -2.29 18.80
CA GLU A 193 29.01 -3.43 19.17
C GLU A 193 28.24 -3.95 17.99
N ALA A 194 27.70 -3.03 17.17
CA ALA A 194 26.97 -3.47 16.00
C ALA A 194 27.87 -4.27 15.06
N ILE A 195 29.06 -3.74 14.76
CA ILE A 195 29.98 -4.42 13.86
C ILE A 195 30.40 -5.76 14.45
N SER A 196 30.69 -5.78 15.76
CA SER A 196 31.20 -6.99 16.40
C SER A 196 30.15 -8.09 16.43
N LEU A 197 28.89 -7.73 16.69
CA LEU A 197 27.83 -8.73 16.74
C LEU A 197 27.55 -9.28 15.34
N ALA A 198 27.44 -8.39 14.36
CA ALA A 198 27.22 -8.84 12.99
C ALA A 198 28.34 -9.75 12.52
N LYS A 199 29.59 -9.42 12.85
CA LYS A 199 30.73 -10.20 12.39
C LYS A 199 30.79 -11.56 13.08
N THR A 200 30.67 -11.58 14.40
CA THR A 200 30.61 -12.85 15.11
C THR A 200 29.45 -13.71 14.63
N THR A 201 28.29 -13.11 14.37
CA THR A 201 27.16 -13.92 13.93
C THR A 201 27.44 -14.50 12.57
N PHE A 202 27.94 -13.68 11.66
CA PHE A 202 28.22 -14.14 10.31
C PHE A 202 29.32 -15.17 10.31
N ASP A 203 30.35 -14.96 11.14
CA ASP A 203 31.46 -15.91 11.22
CA ASP A 203 31.46 -15.92 11.20
C ASP A 203 31.00 -17.28 11.72
N GLU A 204 30.20 -17.28 12.77
CA GLU A 204 29.76 -18.53 13.37
C GLU A 204 28.76 -19.26 12.50
N ALA A 205 27.95 -18.51 11.73
CA ALA A 205 27.07 -19.17 10.79
C ALA A 205 27.86 -19.77 9.63
N MET A 206 28.88 -19.06 9.14
CA MET A 206 29.67 -19.57 8.03
C MET A 206 30.23 -20.95 8.38
N ALA A 207 30.58 -21.16 9.67
CA ALA A 207 31.29 -22.36 10.08
C ALA A 207 30.40 -23.58 9.99
N ASP A 208 29.07 -23.40 10.06
CA ASP A 208 28.12 -24.49 9.92
C ASP A 208 27.41 -24.44 8.60
N LEU A 209 27.78 -23.53 7.71
CA LEU A 209 27.06 -23.37 6.45
C LEU A 209 26.97 -24.70 5.71
N HIS A 210 28.00 -25.54 5.80
CA HIS A 210 28.06 -26.73 4.97
C HIS A 210 27.07 -27.79 5.43
N THR A 211 26.56 -27.68 6.65
CA THR A 211 25.66 -28.66 7.24
C THR A 211 24.20 -28.25 7.12
N LEU A 212 23.92 -27.06 6.60
CA LEU A 212 22.58 -26.50 6.68
C LEU A 212 21.59 -27.34 5.89
N SER A 213 20.49 -27.70 6.52
CA SER A 213 19.44 -28.47 5.88
C SER A 213 18.70 -27.61 4.85
N GLU A 214 18.00 -28.29 3.93
CA GLU A 214 17.31 -27.59 2.86
C GLU A 214 16.17 -26.73 3.41
N ASP A 215 15.38 -27.28 4.34
CA ASP A 215 14.22 -26.55 4.85
C ASP A 215 14.59 -25.20 5.45
N SER A 216 15.87 -24.96 5.74
CA SER A 216 16.32 -23.73 6.36
C SER A 216 17.36 -22.98 5.54
N TYR A 217 17.92 -23.60 4.49
CA TYR A 217 19.02 -22.98 3.76
C TYR A 217 18.62 -21.60 3.22
N LYS A 218 17.46 -21.52 2.57
CA LYS A 218 17.05 -20.27 1.95
C LYS A 218 16.98 -19.12 2.96
N ASP A 219 16.20 -19.29 4.02
CA ASP A 219 16.04 -18.24 5.03
C ASP A 219 17.37 -17.85 5.64
N SER A 220 18.15 -18.84 6.08
CA SER A 220 19.43 -18.54 6.71
C SER A 220 20.33 -17.75 5.78
N THR A 221 20.48 -18.21 4.56
CA THR A 221 21.44 -17.57 3.66
C THR A 221 21.00 -16.14 3.34
N LEU A 222 19.68 -15.91 3.21
CA LEU A 222 19.20 -14.54 3.00
C LEU A 222 19.61 -13.62 4.14
N ILE A 223 19.45 -14.08 5.38
CA ILE A 223 19.84 -13.24 6.52
C ILE A 223 21.33 -13.09 6.59
N MET A 224 22.09 -14.15 6.29
CA MET A 224 23.54 -14.01 6.23
C MET A 224 23.96 -12.96 5.22
N GLN A 225 23.25 -12.88 4.08
CA GLN A 225 23.56 -11.83 3.11
C GLN A 225 23.39 -10.45 3.71
N LEU A 226 22.27 -10.23 4.41
CA LEU A 226 22.00 -8.94 5.04
C LEU A 226 23.05 -8.61 6.07
N LEU A 227 23.42 -9.59 6.91
CA LEU A 227 24.48 -9.39 7.90
C LEU A 227 25.76 -8.91 7.24
N ARG A 228 26.15 -9.57 6.15
N ARG A 228 26.16 -9.57 6.16
CA ARG A 228 27.40 -9.21 5.49
CA ARG A 228 27.41 -9.18 5.53
C ARG A 228 27.29 -7.84 4.85
C ARG A 228 27.29 -7.81 4.87
N ASP A 229 26.17 -7.56 4.20
CA ASP A 229 25.98 -6.25 3.59
C ASP A 229 26.10 -5.12 4.61
N ASN A 230 25.42 -5.26 5.75
CA ASN A 230 25.52 -4.26 6.81
C ASN A 230 26.98 -4.09 7.28
N LEU A 231 27.66 -5.20 7.54
CA LEU A 231 29.08 -5.13 7.89
C LEU A 231 29.89 -4.33 6.88
N THR A 232 29.81 -4.66 5.60
CA THR A 232 30.58 -3.92 4.61
C THR A 232 30.30 -2.43 4.71
N LEU A 233 29.03 -2.05 4.89
CA LEU A 233 28.68 -0.62 5.01
C LEU A 233 29.22 -0.03 6.30
N TRP A 234 28.98 -0.70 7.44
CA TRP A 234 29.38 -0.15 8.72
C TRP A 234 30.89 -0.06 8.86
N THR A 235 31.62 -1.06 8.36
CA THR A 235 33.07 -1.07 8.58
C THR A 235 33.78 -0.07 7.67
N ALA A 236 33.39 0.00 6.41
CA ALA A 236 34.03 0.94 5.50
C ALA A 236 33.89 2.38 5.97
N ASP A 237 32.77 2.72 6.62
CA ASP A 237 32.59 4.07 7.12
C ASP A 237 33.59 4.38 8.23
N ASN A 238 33.71 3.48 9.20
CA ASN A 238 34.64 3.66 10.32
C ASN A 238 36.08 3.49 9.84
N GLY B 1 -7.14 35.50 3.04
CA GLY B 1 -7.80 35.38 4.35
C GLY B 1 -7.81 33.94 4.84
N ALA B 2 -8.65 33.64 5.84
CA ALA B 2 -8.61 32.33 6.49
C ALA B 2 -8.84 31.21 5.48
N MET B 3 -9.83 31.36 4.61
CA MET B 3 -10.15 30.33 3.63
C MET B 3 -8.92 29.98 2.80
N ALA B 4 -8.25 31.00 2.25
CA ALA B 4 -7.10 30.74 1.39
C ALA B 4 -5.97 30.08 2.18
N MET B 5 -5.73 30.54 3.41
CA MET B 5 -4.69 29.93 4.24
C MET B 5 -4.97 28.45 4.50
N GLU B 6 -6.17 28.15 4.96
CA GLU B 6 -6.56 26.77 5.23
C GLU B 6 -6.42 25.92 3.98
N ARG B 7 -6.85 26.44 2.85
CA ARG B 7 -6.77 25.67 1.62
C ARG B 7 -5.32 25.38 1.25
N ALA B 8 -4.45 26.38 1.41
CA ALA B 8 -3.06 26.17 1.03
C ALA B 8 -2.42 25.15 1.95
N SER B 9 -2.82 25.14 3.21
CA SER B 9 -2.30 24.16 4.15
C SER B 9 -2.72 22.75 3.75
N LEU B 10 -3.97 22.58 3.34
CA LEU B 10 -4.45 21.26 2.95
C LEU B 10 -3.76 20.78 1.68
N ILE B 11 -3.53 21.66 0.73
CA ILE B 11 -2.81 21.30 -0.49
C ILE B 11 -1.40 20.89 -0.13
N GLN B 12 -0.75 21.62 0.77
CA GLN B 12 0.60 21.27 1.17
C GLN B 12 0.65 19.89 1.85
N LYS B 13 -0.30 19.61 2.74
CA LYS B 13 -0.36 18.29 3.34
C LYS B 13 -0.64 17.21 2.29
N ALA B 14 -1.46 17.53 1.30
CA ALA B 14 -1.69 16.58 0.21
C ALA B 14 -0.39 16.22 -0.50
N LYS B 15 0.47 17.22 -0.74
CA LYS B 15 1.73 16.94 -1.41
C LYS B 15 2.68 16.17 -0.50
N LEU B 16 2.64 16.43 0.80
CA LEU B 16 3.43 15.64 1.74
C LEU B 16 2.96 14.21 1.80
N ALA B 17 1.65 14.00 1.78
CA ALA B 17 1.10 12.64 1.73
C ALA B 17 1.52 11.93 0.44
N GLU B 18 1.52 12.65 -0.66
CA GLU B 18 1.97 12.06 -1.92
C GLU B 18 3.40 11.56 -1.81
N GLN B 19 4.30 12.39 -1.26
CA GLN B 19 5.70 12.01 -1.14
C GLN B 19 5.86 10.83 -0.19
N ALA B 20 5.04 10.75 0.83
CA ALA B 20 5.01 9.62 1.76
C ALA B 20 4.28 8.42 1.20
N GLU B 21 3.68 8.52 0.01
CA GLU B 21 2.84 7.46 -0.56
C GLU B 21 1.68 7.09 0.36
N ARG B 22 1.13 8.08 1.04
CA ARG B 22 -0.04 7.90 1.89
C ARG B 22 -1.26 8.41 1.12
N TYR B 23 -1.73 7.58 0.19
CA TYR B 23 -2.72 8.04 -0.76
C TYR B 23 -4.09 8.22 -0.13
N GLU B 24 -4.46 7.40 0.86
CA GLU B 24 -5.68 7.69 1.59
C GLU B 24 -5.62 9.06 2.23
N ASP B 25 -4.52 9.38 2.91
CA ASP B 25 -4.40 10.70 3.52
C ASP B 25 -4.46 11.78 2.43
N MET B 26 -3.76 11.53 1.32
CA MET B 26 -3.68 12.49 0.23
C MET B 26 -5.07 12.78 -0.33
N ALA B 27 -5.88 11.73 -0.52
CA ALA B 27 -7.22 11.92 -1.04
C ALA B 27 -8.05 12.79 -0.12
N ALA B 28 -8.01 12.51 1.18
CA ALA B 28 -8.78 13.26 2.17
C ALA B 28 -8.32 14.70 2.29
N PHE B 29 -7.01 14.95 2.20
CA PHE B 29 -6.54 16.34 2.19
C PHE B 29 -7.09 17.09 0.97
N MET B 30 -7.10 16.43 -0.20
CA MET B 30 -7.55 17.10 -1.39
C MET B 30 -9.07 17.29 -1.33
N LYS B 31 -9.79 16.32 -0.76
CA LYS B 31 -11.22 16.49 -0.50
C LYS B 31 -11.47 17.71 0.36
N GLY B 32 -10.74 17.83 1.46
CA GLY B 32 -10.86 19.02 2.30
C GLY B 32 -10.54 20.31 1.55
N ALA B 33 -9.50 20.29 0.71
CA ALA B 33 -9.19 21.48 -0.09
C ALA B 33 -10.33 21.79 -1.06
N VAL B 34 -10.92 20.77 -1.68
CA VAL B 34 -12.06 21.00 -2.56
C VAL B 34 -13.18 21.68 -1.79
N GLU B 35 -13.44 21.21 -0.58
CA GLU B 35 -14.57 21.74 0.20
C GLU B 35 -14.36 23.14 0.70
N LYS B 36 -13.18 23.74 0.51
CA LYS B 36 -13.06 25.17 0.74
C LYS B 36 -13.75 26.01 -0.33
N GLY B 37 -14.27 25.42 -1.40
CA GLY B 37 -15.16 26.10 -2.32
C GLY B 37 -14.52 26.69 -3.56
N GLU B 38 -13.20 26.77 -3.63
CA GLU B 38 -12.56 27.34 -4.81
C GLU B 38 -12.27 26.25 -5.83
N GLU B 39 -12.42 26.59 -7.11
CA GLU B 39 -12.09 25.65 -8.17
C GLU B 39 -10.62 25.21 -8.06
N LEU B 40 -10.34 24.05 -8.63
CA LEU B 40 -9.01 23.48 -8.63
C LEU B 40 -8.23 23.87 -9.87
N SER B 41 -6.96 24.16 -9.70
CA SER B 41 -6.08 24.36 -10.84
C SER B 41 -5.79 23.03 -11.52
N CYS B 42 -5.11 23.11 -12.67
N CYS B 42 -5.11 23.11 -12.67
CA CYS B 42 -4.73 21.91 -13.41
CA CYS B 42 -4.75 21.91 -13.41
C CYS B 42 -3.95 20.96 -12.53
C CYS B 42 -3.95 20.96 -12.51
N GLU B 43 -2.90 21.49 -11.88
CA GLU B 43 -2.07 20.67 -11.00
C GLU B 43 -2.90 20.08 -9.86
N GLU B 44 -3.75 20.90 -9.24
CA GLU B 44 -4.54 20.41 -8.11
C GLU B 44 -5.51 19.32 -8.52
N ARG B 45 -6.10 19.45 -9.71
CA ARG B 45 -7.01 18.42 -10.22
C ARG B 45 -6.30 17.08 -10.35
N ASN B 46 -5.08 17.12 -10.87
CA ASN B 46 -4.29 15.90 -11.02
C ASN B 46 -3.98 15.29 -9.67
N LEU B 47 -3.69 16.13 -8.65
CA LEU B 47 -3.45 15.61 -7.31
C LEU B 47 -4.66 14.88 -6.78
N LEU B 48 -5.84 15.48 -6.91
CA LEU B 48 -7.05 14.82 -6.49
C LEU B 48 -7.25 13.50 -7.22
N SER B 49 -7.08 13.51 -8.54
CA SER B 49 -7.35 12.31 -9.34
CA SER B 49 -7.37 12.31 -9.32
C SER B 49 -6.38 11.20 -8.98
N VAL B 50 -5.10 11.53 -8.80
CA VAL B 50 -4.09 10.49 -8.55
C VAL B 50 -4.27 9.88 -7.16
N ALA B 51 -4.56 10.72 -6.16
CA ALA B 51 -4.80 10.23 -4.82
C ALA B 51 -5.91 9.19 -4.81
N TYR B 52 -7.06 9.52 -5.37
CA TYR B 52 -8.17 8.57 -5.35
C TYR B 52 -7.93 7.40 -6.29
N LYS B 53 -7.27 7.63 -7.43
CA LYS B 53 -6.92 6.53 -8.33
C LYS B 53 -6.07 5.49 -7.60
N ASN B 54 -5.12 5.94 -6.81
CA ASN B 54 -4.27 5.01 -6.05
C ASN B 54 -5.08 4.29 -4.99
N VAL B 55 -5.98 4.99 -4.30
CA VAL B 55 -6.76 4.34 -3.28
C VAL B 55 -7.62 3.25 -3.90
N VAL B 56 -8.41 3.61 -4.91
N VAL B 56 -8.41 3.61 -4.89
CA VAL B 56 -9.35 2.65 -5.48
CA VAL B 56 -9.34 2.65 -5.47
C VAL B 56 -8.60 1.60 -6.28
C VAL B 56 -8.59 1.60 -6.27
N GLY B 57 -7.47 1.95 -6.88
CA GLY B 57 -6.70 0.98 -7.62
C GLY B 57 -6.15 -0.12 -6.71
N GLY B 58 -5.79 0.24 -5.49
CA GLY B 58 -5.39 -0.81 -4.53
C GLY B 58 -6.53 -1.75 -4.19
N GLN B 59 -7.73 -1.20 -4.04
CA GLN B 59 -8.90 -2.01 -3.72
C GLN B 59 -9.32 -2.86 -4.91
N ARG B 60 -9.31 -2.27 -6.12
CA ARG B 60 -9.70 -3.03 -7.31
C ARG B 60 -8.77 -4.24 -7.48
N ALA B 61 -7.47 -4.03 -7.36
CA ALA B 61 -6.50 -5.14 -7.48
C ALA B 61 -6.79 -6.21 -6.43
N ALA B 62 -6.97 -5.79 -5.17
CA ALA B 62 -7.27 -6.75 -4.11
C ALA B 62 -8.55 -7.52 -4.42
N TRP B 63 -9.57 -6.80 -4.94
CA TRP B 63 -10.86 -7.42 -5.24
C TRP B 63 -10.73 -8.44 -6.34
N ARG B 64 -9.92 -8.14 -7.36
CA ARG B 64 -9.66 -9.15 -8.39
C ARG B 64 -8.92 -10.37 -7.82
N VAL B 65 -7.96 -10.16 -6.92
CA VAL B 65 -7.25 -11.32 -6.34
C VAL B 65 -8.25 -12.22 -5.62
N LEU B 66 -9.18 -11.62 -4.87
CA LEU B 66 -10.11 -12.44 -4.09
C LEU B 66 -11.15 -13.10 -4.99
N SER B 67 -11.60 -12.39 -6.04
CA SER B 67 -12.55 -12.99 -6.97
C SER B 67 -11.95 -14.19 -7.66
N SER B 68 -10.68 -14.11 -8.07
CA SER B 68 -10.02 -15.26 -8.69
C SER B 68 -9.98 -16.44 -7.74
N ILE B 69 -9.52 -16.22 -6.52
CA ILE B 69 -9.52 -17.28 -5.52
C ILE B 69 -10.92 -17.82 -5.32
N GLU B 70 -11.93 -16.95 -5.33
CA GLU B 70 -13.28 -17.36 -5.01
C GLU B 70 -13.82 -18.34 -6.04
N GLN B 71 -13.36 -18.23 -7.28
CA GLN B 71 -13.82 -19.13 -8.32
C GLN B 71 -13.15 -20.49 -8.23
N LYS B 72 -11.81 -20.50 -8.23
CA LYS B 72 -11.09 -21.76 -8.09
C LYS B 72 -11.55 -22.52 -6.85
N SER B 73 -11.76 -21.81 -5.74
CA SER B 73 -12.12 -22.47 -4.50
C SER B 73 -13.44 -23.22 -4.62
N ASN B 74 -14.40 -22.62 -5.33
CA ASN B 74 -15.72 -23.22 -5.48
C ASN B 74 -15.76 -24.33 -6.52
N GLU B 75 -14.62 -24.69 -7.11
CA GLU B 75 -14.55 -25.77 -8.09
C GLU B 75 -14.41 -27.14 -7.44
N GLU B 76 -14.74 -27.26 -6.16
CA GLU B 76 -14.63 -28.49 -5.38
C GLU B 76 -13.18 -28.74 -4.96
N GLY B 77 -12.24 -27.88 -5.36
CA GLY B 77 -10.88 -28.05 -4.89
C GLY B 77 -10.80 -28.08 -3.38
N SER B 78 -11.46 -27.12 -2.73
CA SER B 78 -11.51 -27.07 -1.27
C SER B 78 -10.10 -27.03 -0.67
N GLU B 80 -10.60 -24.14 -1.40
CA GLU B 80 -10.88 -23.33 -0.23
C GLU B 80 -12.37 -23.26 0.07
N LYS B 81 -12.96 -24.41 0.43
CA LYS B 81 -14.39 -24.47 0.71
C LYS B 81 -14.72 -23.64 1.95
N GLY B 82 -15.91 -23.05 1.94
CA GLY B 82 -16.38 -22.23 3.04
C GLY B 82 -16.65 -20.79 2.62
N PRO B 83 -17.39 -20.06 3.46
CA PRO B 83 -17.78 -18.68 3.08
C PRO B 83 -16.71 -17.63 3.30
N GLU B 84 -15.56 -17.99 3.89
CA GLU B 84 -14.54 -16.99 4.22
C GLU B 84 -14.16 -16.16 3.00
N VAL B 85 -13.95 -16.80 1.85
CA VAL B 85 -13.51 -16.07 0.67
C VAL B 85 -14.60 -15.10 0.20
N ARG B 86 -15.86 -15.52 0.23
CA ARG B 86 -16.93 -14.62 -0.20
C ARG B 86 -17.11 -13.49 0.81
N GLU B 87 -17.08 -13.79 2.11
CA GLU B 87 -17.23 -12.77 3.13
C GLU B 87 -16.15 -11.70 2.99
N TYR B 88 -14.90 -12.10 2.85
CA TYR B 88 -13.80 -11.13 2.77
C TYR B 88 -13.87 -10.36 1.47
N ARG B 89 -14.17 -11.04 0.35
CA ARG B 89 -14.30 -10.32 -0.91
C ARG B 89 -15.38 -9.23 -0.83
N GLU B 90 -16.45 -9.50 -0.08
CA GLU B 90 -17.51 -8.50 0.10
C GLU B 90 -17.07 -7.35 0.99
N LYS B 91 -16.21 -7.62 1.97
CA LYS B 91 -15.67 -6.54 2.79
CA LYS B 91 -15.67 -6.54 2.79
C LYS B 91 -14.85 -5.60 1.94
N VAL B 92 -14.04 -6.14 1.03
CA VAL B 92 -13.24 -5.30 0.16
C VAL B 92 -14.13 -4.55 -0.80
N GLU B 93 -15.12 -5.25 -1.36
CA GLU B 93 -16.10 -4.65 -2.25
C GLU B 93 -16.82 -3.48 -1.59
N THR B 94 -17.23 -3.66 -0.34
CA THR B 94 -17.96 -2.60 0.36
C THR B 94 -17.07 -1.39 0.59
N GLU B 95 -15.82 -1.61 0.95
N GLU B 95 -15.81 -1.61 0.94
CA GLU B 95 -14.89 -0.51 1.13
CA GLU B 95 -14.92 -0.48 1.13
C GLU B 95 -14.71 0.26 -0.17
C GLU B 95 -14.71 0.27 -0.17
N LEU B 96 -14.57 -0.46 -1.29
CA LEU B 96 -14.37 0.18 -2.58
C LEU B 96 -15.60 0.98 -2.98
N GLN B 97 -16.79 0.43 -2.76
CA GLN B 97 -18.01 1.17 -3.04
C GLN B 97 -18.10 2.44 -2.24
N GLY B 98 -17.64 2.42 -1.01
CA GLY B 98 -17.67 3.60 -0.19
C GLY B 98 -16.76 4.71 -0.71
N VAL B 99 -15.59 4.33 -1.25
CA VAL B 99 -14.68 5.33 -1.81
C VAL B 99 -15.26 5.90 -3.10
N CYS B 100 -15.81 5.06 -3.96
CA CYS B 100 -16.43 5.55 -5.17
C CYS B 100 -17.59 6.47 -4.82
N ASP B 101 -18.37 6.11 -3.80
CA ASP B 101 -19.47 6.94 -3.39
C ASP B 101 -19.00 8.31 -2.92
N THR B 102 -17.88 8.34 -2.22
CA THR B 102 -17.33 9.61 -1.73
C THR B 102 -16.86 10.46 -2.88
N VAL B 103 -16.21 9.83 -3.86
CA VAL B 103 -15.70 10.56 -5.00
C VAL B 103 -16.85 11.11 -5.83
N LEU B 104 -17.83 10.25 -6.15
CA LEU B 104 -19.00 10.69 -6.90
C LEU B 104 -19.75 11.79 -6.20
N GLY B 105 -19.86 11.69 -4.88
CA GLY B 105 -20.54 12.74 -4.14
C GLY B 105 -19.81 14.05 -4.24
N LEU B 106 -18.48 14.01 -4.18
CA LEU B 106 -17.69 15.23 -4.25
C LEU B 106 -17.76 15.84 -5.63
N LEU B 107 -17.80 15.01 -6.68
CA LEU B 107 -17.91 15.54 -8.02
C LEU B 107 -19.24 16.26 -8.20
N ASP B 108 -20.30 15.69 -7.62
CA ASP B 108 -21.61 16.31 -7.78
C ASP B 108 -21.77 17.55 -6.89
N SER B 109 -21.27 17.51 -5.66
CA SER B 109 -21.49 18.61 -4.73
C SER B 109 -20.55 19.77 -4.97
N HIS B 110 -19.35 19.55 -5.53
CA HIS B 110 -18.41 20.65 -5.61
C HIS B 110 -17.74 20.87 -6.95
N LEU B 111 -17.54 19.80 -7.73
CA LEU B 111 -16.63 19.90 -8.87
C LEU B 111 -17.31 19.98 -10.22
N ILE B 112 -18.41 19.25 -10.43
CA ILE B 112 -19.12 19.31 -11.70
C ILE B 112 -19.97 20.56 -11.74
N LYS B 113 -19.77 21.37 -12.76
CA LYS B 113 -20.37 22.68 -12.85
C LYS B 113 -20.58 23.02 -14.32
N GLU B 114 -21.53 23.92 -14.56
CA GLU B 114 -21.71 24.45 -15.90
C GLU B 114 -20.58 25.39 -16.29
N ALA B 115 -20.02 26.10 -15.32
CA ALA B 115 -18.96 27.06 -15.59
C ALA B 115 -17.61 26.37 -15.77
N GLY B 116 -16.65 27.13 -16.23
CA GLY B 116 -15.29 26.64 -16.38
C GLY B 116 -14.99 26.20 -17.81
N ASP B 117 -13.70 26.15 -18.10
CA ASP B 117 -13.25 25.80 -19.43
C ASP B 117 -13.57 24.33 -19.73
N ALA B 118 -13.41 23.96 -21.01
CA ALA B 118 -13.79 22.63 -21.45
C ALA B 118 -12.95 21.56 -20.78
N GLU B 119 -11.66 21.82 -20.58
CA GLU B 119 -10.81 20.82 -19.95
C GLU B 119 -11.36 20.44 -18.59
N SER B 120 -11.62 21.44 -17.75
CA SER B 120 -12.13 21.18 -16.41
CA SER B 120 -12.12 21.17 -16.41
C SER B 120 -13.42 20.39 -16.47
N ARG B 121 -14.35 20.80 -17.32
CA ARG B 121 -15.65 20.16 -17.34
C ARG B 121 -15.54 18.73 -17.81
N VAL B 122 -14.74 18.50 -18.85
CA VAL B 122 -14.51 17.14 -19.30
C VAL B 122 -13.76 16.33 -18.26
N PHE B 123 -12.77 16.94 -17.61
CA PHE B 123 -11.97 16.22 -16.60
C PHE B 123 -12.88 15.60 -15.54
N TYR B 124 -13.83 16.38 -15.00
CA TYR B 124 -14.64 15.87 -13.90
C TYR B 124 -15.73 14.94 -14.36
N LEU B 125 -16.24 15.10 -15.56
CA LEU B 125 -17.28 14.19 -16.05
C LEU B 125 -16.69 12.84 -16.44
N LYS B 126 -15.47 12.82 -16.97
CA LYS B 126 -14.71 11.58 -17.11
C LYS B 126 -14.51 10.87 -15.76
N MET B 127 -14.10 11.62 -14.72
CA MET B 127 -13.94 11.03 -13.39
C MET B 127 -15.22 10.38 -12.92
N LYS B 128 -16.35 11.07 -13.08
CA LYS B 128 -17.64 10.50 -12.72
C LYS B 128 -17.90 9.21 -13.48
N GLY B 129 -17.62 9.22 -14.77
CA GLY B 129 -17.76 8.00 -15.55
C GLY B 129 -16.83 6.90 -15.06
N ASP B 130 -15.59 7.25 -14.76
CA ASP B 130 -14.64 6.25 -14.28
C ASP B 130 -15.08 5.61 -12.96
N TYR B 131 -15.57 6.41 -12.03
CA TYR B 131 -15.94 5.84 -10.74
C TYR B 131 -17.24 5.09 -10.81
N TYR B 132 -18.16 5.43 -11.71
CA TYR B 132 -19.28 4.53 -11.95
C TYR B 132 -18.80 3.24 -12.59
N ARG B 133 -17.85 3.34 -13.52
CA ARG B 133 -17.29 2.13 -14.12
C ARG B 133 -16.68 1.23 -13.04
N TYR B 134 -16.04 1.81 -12.03
CA TYR B 134 -15.46 0.95 -10.99
C TYR B 134 -16.54 0.33 -10.13
N LEU B 135 -17.65 1.04 -9.90
CA LEU B 135 -18.77 0.43 -9.21
C LEU B 135 -19.41 -0.67 -10.04
N ALA B 136 -19.38 -0.52 -11.38
CA ALA B 136 -19.95 -1.56 -12.24
C ALA B 136 -19.08 -2.81 -12.27
N GLU B 137 -17.76 -2.64 -12.15
CA GLU B 137 -16.86 -3.81 -12.11
C GLU B 137 -17.30 -4.80 -11.04
N VAL B 138 -17.90 -4.32 -9.95
CA VAL B 138 -18.23 -5.16 -8.81
C VAL B 138 -19.71 -5.36 -8.61
N ALA B 139 -20.56 -4.72 -9.39
CA ALA B 139 -22.01 -4.79 -9.20
C ALA B 139 -22.60 -5.98 -9.93
N THR B 140 -23.82 -6.33 -9.54
CA THR B 140 -24.58 -7.38 -10.21
C THR B 140 -26.04 -6.94 -10.33
N GLY B 141 -26.78 -7.64 -11.19
CA GLY B 141 -28.21 -7.52 -11.24
C GLY B 141 -28.71 -6.15 -11.63
N ASP B 142 -29.91 -5.82 -11.12
CA ASP B 142 -30.53 -4.54 -11.44
C ASP B 142 -29.63 -3.37 -11.09
N ASP B 143 -28.79 -3.54 -10.06
CA ASP B 143 -27.87 -2.46 -9.70
C ASP B 143 -26.88 -2.22 -10.82
N LYS B 144 -26.33 -3.29 -11.40
CA LYS B 144 -25.32 -3.14 -12.42
C LYS B 144 -25.86 -2.33 -13.61
N LYS B 145 -27.10 -2.61 -14.01
CA LYS B 145 -27.73 -1.85 -15.10
C LYS B 145 -27.81 -0.37 -14.77
N ARG B 146 -28.29 -0.05 -13.57
CA ARG B 146 -28.40 1.35 -13.17
C ARG B 146 -27.04 2.03 -13.22
N ILE B 147 -26.02 1.39 -12.66
CA ILE B 147 -24.69 1.98 -12.63
C ILE B 147 -24.13 2.14 -14.03
N ILE B 148 -24.35 1.13 -14.89
CA ILE B 148 -23.83 1.20 -16.24
C ILE B 148 -24.49 2.35 -16.99
N ASP B 149 -25.79 2.56 -16.79
CA ASP B 149 -26.46 3.69 -17.42
C ASP B 149 -25.81 5.00 -16.98
N SER B 150 -25.49 5.10 -15.69
CA SER B 150 -24.94 6.35 -15.13
C SER B 150 -23.56 6.62 -15.69
N ALA B 151 -22.73 5.58 -15.83
CA ALA B 151 -21.40 5.76 -16.40
C ALA B 151 -21.48 6.26 -17.84
N ARG B 152 -22.25 5.54 -18.68
CA ARG B 152 -22.42 5.95 -20.07
C ARG B 152 -22.89 7.40 -20.16
N SER B 153 -23.89 7.77 -19.35
CA SER B 153 -24.39 9.15 -19.42
C SER B 153 -23.27 10.14 -19.10
N ALA B 154 -22.49 9.85 -18.07
CA ALA B 154 -21.40 10.74 -17.67
C ALA B 154 -20.34 10.82 -18.75
N TYR B 155 -19.87 9.66 -19.24
CA TYR B 155 -18.91 9.62 -20.35
C TYR B 155 -19.45 10.31 -21.59
N GLN B 156 -20.72 10.04 -21.94
CA GLN B 156 -21.26 10.66 -23.14
C GLN B 156 -21.29 12.19 -23.01
N GLU B 157 -21.66 12.71 -21.84
N GLU B 157 -21.71 12.70 -21.85
CA GLU B 157 -21.65 14.16 -21.68
CA GLU B 157 -21.65 14.14 -21.61
C GLU B 157 -20.23 14.71 -21.80
C GLU B 157 -20.24 14.67 -21.83
N ALA B 158 -19.25 14.00 -21.23
CA ALA B 158 -17.86 14.42 -21.39
C ALA B 158 -17.41 14.32 -22.82
N MET B 159 -17.87 13.28 -23.52
CA MET B 159 -17.54 13.15 -24.95
C MET B 159 -18.05 14.33 -25.76
N ASP B 160 -19.32 14.66 -25.59
CA ASP B 160 -19.92 15.73 -26.41
C ASP B 160 -19.18 17.04 -26.23
N ILE B 161 -18.81 17.36 -25.00
CA ILE B 161 -17.97 18.54 -24.77
C ILE B 161 -16.63 18.39 -25.44
N SER B 162 -16.01 17.24 -25.33
CA SER B 162 -14.62 17.12 -25.81
C SER B 162 -14.58 17.21 -27.33
N LYS B 163 -15.50 16.51 -28.00
CA LYS B 163 -15.53 16.58 -29.47
C LYS B 163 -15.96 17.93 -29.97
N LYS B 164 -16.61 18.74 -29.13
CA LYS B 164 -17.06 20.07 -29.59
C LYS B 164 -16.04 21.16 -29.30
N GLU B 165 -15.34 21.09 -28.16
CA GLU B 165 -14.56 22.22 -27.69
C GLU B 165 -13.07 21.96 -27.55
N MET B 166 -12.60 20.75 -27.83
CA MET B 166 -11.20 20.43 -27.58
C MET B 166 -10.54 19.82 -28.81
N PRO B 167 -9.24 20.03 -28.99
CA PRO B 167 -8.55 19.46 -30.14
C PRO B 167 -8.51 17.94 -30.03
N PRO B 168 -8.45 17.24 -31.15
CA PRO B 168 -8.41 15.76 -31.08
C PRO B 168 -7.20 15.22 -30.34
N THR B 169 -6.15 16.03 -30.14
CA THR B 169 -4.93 15.60 -29.48
C THR B 169 -4.85 16.00 -28.02
N ASN B 170 -5.86 16.68 -27.49
CA ASN B 170 -5.82 17.04 -26.07
C ASN B 170 -5.77 15.81 -25.19
N PRO B 171 -4.85 15.74 -24.21
CA PRO B 171 -4.72 14.51 -23.41
C PRO B 171 -5.97 14.14 -22.64
N ILE B 172 -6.70 15.13 -22.15
CA ILE B 172 -7.94 14.83 -21.43
C ILE B 172 -8.95 14.21 -22.39
N ARG B 173 -9.09 14.77 -23.60
CA ARG B 173 -9.98 14.17 -24.58
C ARG B 173 -9.52 12.75 -24.90
N LEU B 174 -8.24 12.57 -25.19
CA LEU B 174 -7.74 11.21 -25.45
C LEU B 174 -7.98 10.29 -24.27
N GLY B 175 -7.65 10.74 -23.06
CA GLY B 175 -7.91 9.91 -21.89
C GLY B 175 -9.37 9.53 -21.75
N LEU B 176 -10.27 10.47 -22.00
CA LEU B 176 -11.71 10.19 -21.92
C LEU B 176 -12.09 9.09 -22.90
N ALA B 177 -11.72 9.25 -24.18
CA ALA B 177 -12.08 8.26 -25.18
C ALA B 177 -11.53 6.89 -24.80
N LEU B 178 -10.26 6.84 -24.40
CA LEU B 178 -9.67 5.57 -24.00
C LEU B 178 -10.51 4.88 -22.93
N ASN B 179 -10.84 5.62 -21.86
CA ASN B 179 -11.56 5.00 -20.76
C ASN B 179 -12.98 4.66 -21.14
N PHE B 180 -13.64 5.48 -21.99
CA PHE B 180 -14.94 5.13 -22.48
C PHE B 180 -14.87 3.85 -23.32
N SER B 181 -13.80 3.68 -24.10
CA SER B 181 -13.73 2.48 -24.92
C SER B 181 -13.48 1.25 -24.06
N VAL B 182 -12.74 1.39 -22.96
CA VAL B 182 -12.64 0.30 -21.99
C VAL B 182 -14.02 -0.02 -21.42
N PHE B 183 -14.77 1.01 -21.06
CA PHE B 183 -16.17 0.80 -20.63
C PHE B 183 -16.95 -0.02 -21.65
N HIS B 184 -16.95 0.41 -22.91
CA HIS B 184 -17.61 -0.36 -23.95
C HIS B 184 -17.15 -1.81 -23.97
N TYR B 185 -15.85 -2.02 -24.00
CA TYR B 185 -15.34 -3.38 -24.18
C TYR B 185 -15.64 -4.23 -22.95
N GLU B 186 -15.28 -3.74 -21.77
CA GLU B 186 -15.29 -4.54 -20.56
C GLU B 186 -16.63 -4.56 -19.85
N ILE B 187 -17.31 -3.42 -19.80
CA ILE B 187 -18.48 -3.26 -18.95
C ILE B 187 -19.76 -3.44 -19.75
N ALA B 188 -19.88 -2.75 -20.88
CA ALA B 188 -21.06 -2.84 -21.69
C ALA B 188 -21.09 -4.07 -22.58
N ASN B 189 -20.00 -4.80 -22.69
CA ASN B 189 -19.89 -5.93 -23.61
C ASN B 189 -20.30 -5.48 -25.02
N SER B 190 -19.52 -4.53 -25.54
CA SER B 190 -19.76 -3.95 -26.87
C SER B 190 -18.39 -3.77 -27.51
N PRO B 191 -17.74 -4.86 -27.89
CA PRO B 191 -16.39 -4.74 -28.47
C PRO B 191 -16.34 -3.91 -29.73
N GLU B 192 -17.35 -4.04 -30.61
CA GLU B 192 -17.35 -3.25 -31.84
C GLU B 192 -17.31 -1.76 -31.52
N GLU B 193 -18.14 -1.34 -30.57
CA GLU B 193 -18.17 0.06 -30.18
C GLU B 193 -16.84 0.48 -29.58
N ALA B 194 -16.26 -0.37 -28.71
CA ALA B 194 -14.96 -0.07 -28.13
C ALA B 194 -13.89 0.05 -29.20
N ILE B 195 -13.94 -0.82 -30.20
CA ILE B 195 -12.94 -0.77 -31.27
C ILE B 195 -13.18 0.44 -32.17
N SER B 196 -14.46 0.73 -32.45
CA SER B 196 -14.77 1.90 -33.25
C SER B 196 -14.23 3.16 -32.60
N LEU B 197 -14.51 3.34 -31.30
CA LEU B 197 -14.11 4.55 -30.61
C LEU B 197 -12.59 4.65 -30.49
N ALA B 198 -11.93 3.56 -30.08
CA ALA B 198 -10.49 3.61 -29.97
C ALA B 198 -9.85 3.91 -31.31
N LYS B 199 -10.33 3.24 -32.37
CA LYS B 199 -9.76 3.43 -33.70
C LYS B 199 -9.93 4.84 -34.18
N THR B 200 -11.16 5.37 -34.06
CA THR B 200 -11.44 6.74 -34.51
C THR B 200 -10.62 7.74 -33.71
N THR B 201 -10.50 7.53 -32.39
CA THR B 201 -9.77 8.45 -31.54
C THR B 201 -8.30 8.53 -31.95
N PHE B 202 -7.66 7.38 -32.09
CA PHE B 202 -6.25 7.37 -32.49
C PHE B 202 -6.06 7.99 -33.86
N ASP B 203 -6.93 7.66 -34.82
CA ASP B 203 -6.77 8.13 -36.18
C ASP B 203 -6.95 9.64 -36.26
N GLU B 204 -8.00 10.17 -35.62
CA GLU B 204 -8.23 11.61 -35.67
C GLU B 204 -7.16 12.37 -34.91
N ALA B 205 -6.51 11.73 -33.95
CA ALA B 205 -5.38 12.35 -33.27
C ALA B 205 -4.12 12.24 -34.12
N MET B 206 -3.92 11.09 -34.77
CA MET B 206 -2.78 10.92 -35.65
C MET B 206 -2.66 12.08 -36.63
N ALA B 207 -3.78 12.47 -37.24
CA ALA B 207 -3.75 13.53 -38.25
C ALA B 207 -3.15 14.82 -37.69
N ASP B 208 -3.65 15.26 -36.53
CA ASP B 208 -3.25 16.55 -35.96
C ASP B 208 -2.01 16.43 -35.08
N LEU B 209 -1.14 15.45 -35.33
CA LEU B 209 0.03 15.27 -34.47
C LEU B 209 1.06 16.37 -34.69
N HIS B 210 1.29 16.76 -35.94
CA HIS B 210 2.28 17.79 -36.22
C HIS B 210 1.99 19.07 -35.43
N THR B 211 0.72 19.32 -35.11
CA THR B 211 0.35 20.49 -34.31
C THR B 211 0.52 20.26 -32.82
N LEU B 212 0.65 19.00 -32.38
CA LEU B 212 0.75 18.71 -30.95
C LEU B 212 1.87 19.51 -30.31
N SER B 213 1.62 19.98 -29.08
CA SER B 213 2.55 20.82 -28.35
C SER B 213 3.50 19.97 -27.51
N GLU B 214 4.54 20.61 -26.98
CA GLU B 214 5.55 19.94 -26.19
C GLU B 214 5.15 19.78 -24.73
N ASP B 215 4.30 20.66 -24.21
CA ASP B 215 3.84 20.55 -22.83
C ASP B 215 3.09 19.24 -22.60
N SER B 216 2.15 18.93 -23.48
CA SER B 216 1.34 17.73 -23.39
C SER B 216 1.82 16.64 -24.34
N TYR B 217 2.96 16.83 -25.00
CA TYR B 217 3.46 15.83 -25.92
C TYR B 217 3.52 14.46 -25.25
N LYS B 218 4.16 14.39 -24.08
CA LYS B 218 4.32 13.10 -23.41
C LYS B 218 2.98 12.52 -22.98
N ASP B 219 2.13 13.35 -22.39
CA ASP B 219 0.81 12.87 -21.97
C ASP B 219 0.07 12.24 -23.15
N SER B 220 -0.04 12.98 -24.26
CA SER B 220 -0.81 12.47 -25.40
C SER B 220 -0.18 11.22 -25.98
N THR B 221 1.15 11.20 -26.08
CA THR B 221 1.82 10.03 -26.64
C THR B 221 1.45 8.79 -25.85
N LEU B 222 1.67 8.84 -24.52
CA LEU B 222 1.36 7.71 -23.66
C LEU B 222 -0.06 7.20 -23.91
N ILE B 223 -1.03 8.12 -24.01
CA ILE B 223 -2.41 7.68 -24.15
C ILE B 223 -2.64 7.08 -25.53
N MET B 224 -2.07 7.69 -26.58
CA MET B 224 -2.22 7.12 -27.91
C MET B 224 -1.62 5.72 -27.97
N GLN B 225 -0.51 5.50 -27.28
CA GLN B 225 0.06 4.15 -27.26
C GLN B 225 -0.87 3.18 -26.57
N LEU B 226 -1.48 3.60 -25.45
CA LEU B 226 -2.41 2.71 -24.77
C LEU B 226 -3.61 2.41 -25.66
N LEU B 227 -4.06 3.41 -26.43
CA LEU B 227 -5.11 3.15 -27.41
C LEU B 227 -4.68 2.09 -28.41
N ARG B 228 -3.45 2.20 -28.92
CA ARG B 228 -2.99 1.26 -29.93
C ARG B 228 -2.91 -0.16 -29.39
N ASP B 229 -2.39 -0.32 -28.17
CA ASP B 229 -2.26 -1.66 -27.61
C ASP B 229 -3.62 -2.29 -27.37
N ASN B 230 -4.56 -1.54 -26.80
CA ASN B 230 -5.91 -2.08 -26.65
C ASN B 230 -6.49 -2.51 -28.00
N LEU B 231 -6.27 -1.70 -29.05
CA LEU B 231 -6.76 -2.07 -30.38
C LEU B 231 -6.10 -3.35 -30.87
N THR B 232 -4.77 -3.44 -30.72
CA THR B 232 -4.05 -4.66 -31.11
C THR B 232 -4.68 -5.89 -30.47
N LEU B 233 -4.99 -5.81 -29.18
CA LEU B 233 -5.58 -6.93 -28.47
C LEU B 233 -7.02 -7.19 -28.92
N TRP B 234 -7.82 -6.13 -29.05
CA TRP B 234 -9.24 -6.31 -29.35
C TRP B 234 -9.47 -6.77 -30.78
N THR B 235 -8.55 -6.47 -31.71
CA THR B 235 -8.72 -6.90 -33.10
C THR B 235 -8.36 -8.36 -33.29
N ALA B 236 -7.30 -8.83 -32.63
CA ALA B 236 -6.90 -10.23 -32.72
C ALA B 236 -7.82 -11.17 -31.96
N ASP B 237 -8.61 -10.64 -31.02
CA ASP B 237 -9.54 -11.45 -30.24
C ASP B 237 -10.89 -11.55 -30.95
CA ASN C 1 13.67 5.13 2.76
C ASN C 1 15.15 5.32 2.64
N TYR C 2 15.71 6.23 3.44
CA TYR C 2 17.09 6.66 3.28
C TYR C 2 18.11 5.79 4.03
N ARG C 3 17.63 4.74 4.69
CA ARG C 3 18.49 3.92 5.51
C ARG C 3 19.16 2.83 4.68
N ARG C 4 20.48 2.74 4.77
CA ARG C 4 21.23 1.84 3.91
C ARG C 4 21.42 0.45 4.52
N TYR C 5 21.61 0.37 5.83
CA TYR C 5 21.70 -0.90 6.52
C TYR C 5 20.30 -1.48 6.67
N LYS C 6 20.22 -2.79 6.80
CA LYS C 6 18.97 -3.51 6.70
C LYS C 6 18.63 -4.41 7.88
N SEP C 7 17.35 -4.55 8.15
CA SEP C 7 16.89 -5.43 9.25
CB SEP C 7 15.93 -4.71 10.20
OG SEP C 7 14.80 -4.27 9.46
C SEP C 7 16.19 -6.58 8.54
O SEP C 7 15.98 -6.54 7.33
P SEP C 7 13.76 -3.31 10.32
O1P SEP C 7 12.55 -3.16 9.33
O2P SEP C 7 14.51 -2.07 10.83
O3P SEP C 7 13.23 -4.24 11.50
HA SEP C 7 17.61 -5.75 9.82
HB2 SEP C 7 16.38 -3.95 10.58
HB3 SEP C 7 15.65 -5.32 10.89
N VAL C 8 15.79 -7.60 9.26
CA VAL C 8 15.19 -8.76 8.61
C VAL C 8 13.97 -8.40 7.79
N GLY C 9 13.22 -7.42 8.29
CA GLY C 9 11.91 -7.03 7.66
C GLY C 9 11.98 -6.74 6.19
N ILE C 10 13.14 -6.32 5.69
CA ILE C 10 13.28 -6.00 4.26
C ILE C 10 13.03 -7.21 3.37
N LEU C 11 13.13 -8.42 3.92
CA LEU C 11 12.96 -9.64 3.14
C LEU C 11 11.51 -10.01 2.95
CA ASN D 1 -4.04 -8.34 -12.80
C ASN D 1 -4.33 -9.25 -13.98
N TYR D 2 -5.59 -9.63 -14.14
CA TYR D 2 -5.99 -10.57 -15.17
C TYR D 2 -6.31 -9.90 -16.49
N ARG D 3 -6.18 -8.57 -16.54
CA ARG D 3 -6.66 -7.77 -17.66
C ARG D 3 -5.48 -7.22 -18.47
N ARG D 4 -5.52 -7.46 -19.79
CA ARG D 4 -4.43 -7.05 -20.67
C ARG D 4 -4.61 -5.66 -21.24
N TYR D 5 -5.84 -5.26 -21.54
CA TYR D 5 -6.11 -3.91 -22.03
C TYR D 5 -6.13 -2.92 -20.88
N LYS D 6 -5.67 -1.70 -21.15
CA LYS D 6 -5.44 -0.72 -20.12
C LYS D 6 -6.33 0.52 -20.19
N SEP D 7 -6.61 1.10 -19.02
CA SEP D 7 -7.23 2.41 -18.90
CB SEP D 7 -8.19 2.44 -17.74
OG SEP D 7 -7.54 2.32 -16.51
C SEP D 7 -6.10 3.43 -18.76
O SEP D 7 -4.94 3.04 -18.69
P SEP D 7 -8.60 2.14 -15.35
O1P SEP D 7 -9.53 0.87 -15.62
O2P SEP D 7 -9.50 3.47 -15.32
O3P SEP D 7 -7.83 1.97 -13.96
HA SEP D 7 -7.78 2.64 -19.68
HB2 SEP D 7 -8.82 1.70 -17.83
HB3 SEP D 7 -8.67 3.29 -17.76
N VAL D 8 -6.43 4.71 -18.73
CA VAL D 8 -5.41 5.74 -18.50
C VAL D 8 -4.67 5.42 -17.20
N GLY D 9 -3.34 5.59 -17.24
CA GLY D 9 -2.48 5.24 -16.12
C GLY D 9 -1.03 5.23 -16.55
N ILE D 10 -0.10 5.32 -15.59
CA ILE D 10 1.32 5.47 -15.91
C ILE D 10 2.11 4.17 -15.85
N LEU D 11 1.57 3.11 -15.26
CA LEU D 11 2.29 1.85 -15.14
C LEU D 11 1.94 0.90 -16.30
C1 FSC E . 10.64 -15.24 7.53
C4 FSC E . 11.62 -14.68 6.80
C11 FSC E . 12.51 -15.35 5.78
C18 FSC E . 13.92 -14.78 5.86
C17 FSC E . 11.86 -15.22 4.40
O24 FSC E . 12.49 -16.15 3.53
C31 FSC E . 12.25 -16.10 2.22
O37 FSC E . 11.64 -15.21 1.69
C36 FSC E . 12.86 -17.30 1.48
C10 FSC E . 11.35 -13.17 6.63
C6 FSC E . 9.91 -13.04 7.16
O13 FSC E . 9.65 -11.76 7.66
C2 FSC E . 9.93 -14.12 8.28
C7 FSC E . 8.48 -14.57 8.57
C5 FSC E . 10.51 -13.57 9.55
C12 FSC E . 11.61 -13.87 10.24
C20 FSC E . 11.98 -13.16 11.51
C27 FSC E . 10.81 -13.03 12.46
O32 FSC E . 11.22 -12.35 13.65
C38 FSC E . 10.18 -12.21 14.56
C26 FSC E . 13.02 -14.11 12.16
C25 FSC E . 13.76 -14.67 10.95
C19 FSC E . 12.64 -14.99 9.96
C15 FSC E . 12.21 -16.43 10.04
C23 FSC E . 11.08 -16.73 11.06
C9 FSC E . 11.92 -17.18 8.68
O16 FSC E . 11.78 -18.55 8.87
C3 FSC E . 10.68 -16.70 7.85
O8 FSC E . 10.44 -17.51 6.73
C14 FSC E . 9.27 -18.30 6.68
O22 FSC E . 8.13 -17.52 6.36
C30 FSC E . 8.23 -16.73 5.20
C33 FSC E . 8.45 -17.66 3.97
O39 FSC E . 8.70 -16.84 2.83
C28 FSC E . 9.62 -18.61 4.21
O34 FSC E . 9.63 -19.58 3.15
C40 FSC E . 8.55 -20.30 2.79
O43 FSC E . 7.59 -20.51 3.48
C42 FSC E . 8.68 -20.79 1.37
C21 FSC E . 9.49 -19.34 5.56
O29 FSC E . 10.66 -20.07 5.78
C35 FSC E . 6.94 -15.94 5.06
O41 FSC E . 5.93 -16.86 4.78
C44 FSC E . 4.64 -16.41 4.39
C47 FSC E . 3.71 -17.61 4.10
C46 FSC E . 4.76 -15.49 3.18
C45 FSC E . 4.04 -15.65 5.53
C48 FSC E . 3.55 -14.42 5.53
H11 FSC E . 12.56 -16.30 5.94
H181 FSC E . 14.58 -15.46 5.64
H182 FSC E . 14.11 -14.46 6.75
H183 FSC E . 14.03 -14.05 5.24
H171 FSC E . 11.97 -14.31 4.05
H172 FSC E . 10.91 -15.40 4.44
H361 FSC E . 12.26 -17.63 0.79
H362 FSC E . 13.03 -18.04 2.08
H363 FSC E . 13.69 -17.06 1.04
H101 FSC E . 11.42 -12.88 5.71
H102 FSC E . 11.97 -12.62 7.13
H6 FSC E . 9.23 -13.23 6.50
H13 FSC E . 9.44 -11.28 7.01
H7C1 FSC E . 8.01 -13.93 9.13
H7C2 FSC E . 7.97 -14.65 7.75
H7C3 FSC E . 8.45 -15.42 9.02
H5 FSC E . 9.99 -12.90 9.91
H20 FSC E . 12.30 -12.27 11.28
H271 FSC E . 10.08 -12.55 12.03
H272 FSC E . 10.47 -13.91 12.67
H381 FSC E . 10.55 -11.85 15.39
H382 FSC E . 9.52 -11.60 14.18
H383 FSC E . 9.79 -13.08 14.71
H261 FSC E . 13.63 -13.62 12.75
H262 FSC E . 12.60 -14.80 12.68
H251 FSC E . 14.26 -15.48 11.16
H252 FSC E . 14.39 -14.05 10.57
H19 FSC E . 12.99 -14.86 9.06
H15 FSC E . 13.02 -16.82 10.43
H231 FSC E . 11.41 -16.86 11.96
H232 FSC E . 10.44 -16.01 11.11
H233 FSC E . 10.57 -17.52 10.84
H9 FSC E . 12.70 -17.03 8.14
H16 FSC E . 12.56 -18.88 9.00
H3 FSC E . 9.92 -16.92 8.42
H14 FSC E . 9.06 -18.71 7.52
H30 FSC E . 8.97 -16.10 5.27
H33 FSC E . 7.68 -18.23 3.84
H39 FSC E . 8.13 -16.99 2.25
H28 FSC E . 10.45 -18.10 4.20
H421 FSC E . 8.95 -21.72 1.37
H422 FSC E . 7.82 -20.71 0.92
H423 FSC E . 9.34 -20.26 0.89
H21 FSC E . 8.71 -19.91 5.51
H29 FSC E . 10.44 -20.89 5.84
H351 FSC E . 6.77 -15.46 5.89
H352 FSC E . 7.03 -15.28 4.36
H471 FSC E . 3.79 -18.31 4.76
H472 FSC E . 2.77 -17.36 4.09
H473 FSC E . 3.89 -18.02 3.23
H461 FSC E . 5.19 -14.66 3.43
H462 FSC E . 3.88 -15.27 2.83
H463 FSC E . 5.26 -15.91 2.48
H45 FSC E . 4.04 -16.12 6.33
H481 FSC E . 3.20 -14.06 6.32
H482 FSC E . 3.51 -13.90 4.76
C1 FSC F . -2.23 12.59 -15.95
C4 FSC F . -1.65 11.55 -16.58
C11 FSC F . -0.61 11.58 -17.67
C18 FSC F . -1.21 11.15 -19.02
C17 FSC F . 0.59 10.70 -17.29
O24 FSC F . 1.67 11.04 -18.18
C31 FSC F . 2.82 10.39 -18.06
O37 FSC F . 3.06 9.66 -17.13
C36 FSC F . 3.76 10.70 -19.22
C10 FSC F . -2.08 10.25 -15.97
C6 FSC F . -2.60 10.70 -14.60
O13 FSC F . -3.46 9.73 -14.03
C2 FSC F . -3.33 12.01 -15.03
C7 FSC F . -3.50 12.91 -13.79
C5 FSC F . -4.70 11.69 -15.53
C12 FSC F . -5.35 12.03 -16.64
C20 FSC F . -6.82 11.72 -16.84
C27 FSC F . -7.65 12.19 -15.65
O32 FSC F . -8.99 11.85 -15.89
C38 FSC F . -9.88 12.54 -15.09
C26 FSC F . -7.17 12.51 -18.13
C25 FSC F . -5.89 12.34 -18.96
C19 FSC F . -4.78 12.64 -17.92
C15 FSC F . -4.33 14.09 -17.90
C23 FSC F . -5.12 14.93 -16.88
C9 FSC F . -2.79 14.37 -17.83
O16 FSC F . -2.46 15.68 -18.18
C3 FSC F . -2.08 14.00 -16.50
O8 FSC F . -0.74 14.44 -16.57
C14 FSC F . -0.24 15.46 -15.75
O22 FSC F . -0.16 15.07 -14.41
C30 FSC F . 0.57 13.89 -14.14
C33 FSC F . 2.03 14.05 -14.65
O39 FSC F . 2.74 12.83 -14.60
C28 FSC F . 2.03 14.55 -16.10
O34 FSC F . 3.37 14.84 -16.49
C40 FSC F . 4.12 15.78 -15.90
O43 FSC F . 3.74 16.55 -15.06
C42 FSC F . 5.53 15.72 -16.42
C21 FSC F . 1.18 15.81 -16.24
O29 FSC F . 1.19 16.24 -17.57
C35 FSC F . 0.52 13.64 -12.65
O41 FSC F . 0.94 14.78 -11.95
C44 FSC F . 1.14 14.70 -10.54
C47 FSC F . 2.36 13.79 -10.22
C46 FSC F . -0.10 14.18 -9.80
C45 FSC F . 1.38 16.09 -10.01
C48 FSC F . 0.51 17.12 -10.05
H11 FSC F . -0.26 12.48 -17.75
H181 FSC F . -1.12 11.87 -19.67
H182 FSC F . -2.14 10.95 -18.92
H183 FSC F . -0.76 10.37 -19.36
H171 FSC F . 0.38 9.76 -17.37
H172 FSC F . 0.85 10.87 -16.37
H361 FSC F . 3.36 11.32 -19.85
H362 FSC F . 4.59 11.09 -18.92
H363 FSC F . 3.98 9.90 -19.72
H101 FSC F . -2.76 9.78 -16.48
H102 FSC F . -1.34 9.61 -15.87
H6 FSC F . -1.94 10.90 -13.92
H13 FSC F . -3.00 9.30 -13.47
H7C1 FSC F . -2.66 13.03 -13.32
H7C2 FSC F . -3.83 13.79 -14.03
H7C3 FSC F . -4.13 12.53 -13.16
H5 FSC F . -5.18 11.16 -14.94
H20 FSC F . -6.96 10.76 -16.94
H271 FSC F . -7.54 13.14 -15.54
H272 FSC F . -7.31 11.77 -14.84
H381 FSC F . -10.24 11.91 -14.44
H382 FSC F . -10.59 12.88 -15.67
H383 FSC F . -9.41 13.26 -14.65
H261 FSC F . -7.94 12.15 -18.57
H262 FSC F . -7.35 13.45 -17.93
H251 FSC F . -5.79 11.45 -19.32
H252 FSC F . -5.84 12.96 -19.69
H19 FSC F . -4.02 12.11 -18.21
H15 FSC F . -4.59 14.43 -18.77
H231 FSC F . -6.04 15.09 -17.17
H232 FSC F . -5.18 14.51 -16.02
H233 FSC F . -4.73 15.81 -16.73
H9 FSC F . -2.38 13.81 -18.51
H16 FSC F . -2.83 15.85 -18.92
H3 FSC F . -2.50 14.57 -15.84
H14 FSC F . -0.82 16.23 -15.75
H30 FSC F . 0.19 13.12 -14.59
H33 FSC F . 2.47 14.73 -14.09
H39 FSC F . 3.43 12.94 -14.13
H28 FSC F . 1.68 13.86 -16.68
H421 FSC F . 5.82 16.61 -16.68
H422 FSC F . 5.57 15.14 -17.20
H423 FSC F . 6.13 15.38 -15.74
H21 FSC F . 1.55 16.50 -15.67
H29 FSC F . 1.25 17.09 -17.57
H351 FSC F . -0.38 13.39 -12.41
H352 FSC F . 1.08 12.88 -12.44
H471 FSC F . 2.18 12.86 -10.43
H472 FSC F . 2.60 13.83 -9.28
H473 FSC F . 3.15 14.05 -10.73
H461 FSC F . -0.04 14.39 -8.85
H462 FSC F . -0.90 14.57 -10.17
H463 FSC F . -0.17 13.21 -9.89
H45 FSC F . 2.22 16.22 -9.64
H481 FSC F . 0.76 17.95 -9.70
H482 FSC F . -0.34 17.05 -10.42
CL CL G . -2.37 16.25 9.75
C BCT H . -7.74 -4.23 -14.23
O1 BCT H . -7.19 -5.33 -14.43
O2 BCT H . -7.31 -3.07 -14.36
O3 BCT H . -9.04 -4.35 -13.78
HO3 BCT H . -9.34 -3.56 -13.67
#